data_5WM0
#
_entry.id   5WM0
#
_cell.length_a   59.099
_cell.length_b   65.930
_cell.length_c   69.809
_cell.angle_alpha   90.000
_cell.angle_beta   90.000
_cell.angle_gamma   90.000
#
_symmetry.space_group_name_H-M   'P 21 21 21'
#
loop_
_entity.id
_entity.type
_entity.pdbx_description
1 polymer 'Peptidyl-glycine alpha-amidating monooxygenase'
2 water water
#
_entity_poly.entity_id   1
_entity_poly.type   'polypeptide(L)'
_entity_poly.pdbx_seq_one_letter_code
;MAGRARSGLLLLLLGLLALQSSCLAFRSPLSVFKRFKETTRSFSNECLGTIGPVTPLDASDFALDIRMPGVTPKESDTYF
CMSMRLPVDEEAFVIDFKPRASMDTVHHMLLFGCNMPSSTGSYWFCDEGTCTDKANILYAWARNAPPTRLPKGVGFRVGG
ETGSKYFVLQVHYGDISAFRDNHKDCSGVSVHLTRVPQPLIAGMYLMMSVDTVIPPGEKVVNADISCQYKMYPMHVFAYR
VHTHHLGKVVSGYRVRNGQWTLIGRQNPQLPQAFYPVEHPVDVTFGDILAARCVFTGEGRTEATHIGGTSSDEMCNLYIM
YYMEAKYALSFMTCTKNVAPDMFRTIPAEANIPIPVKPDMVMMHGHHKEAENKEKSALMQQPKQGEEEVLEQGDFYSLLS
KLLGEREDVHVHKYNPTEKTESGSDLVAEIANVVQKKDLGRSDAREGAEHEEWGNAILVRDRIHRFHQLESTLRPAESRA
FSFQQPGEGPWEPEPSGDFHVEEELDWPGVYLLPGQVSGVALDSKNNLVIFHRGDHVWDGNSFDSKFVYQQRGLGPIEED
TILVIDPNNAEILQSSGKNLFYLPHGLSIDTDGNYWVTDVALHQVFKLDPHSKEGPLLILGRSMQPGSDQNHFCQPTDVA
VEPSTGAVFVSDGYCNSRIVQFSPSGKFVTQWGEESSGSSPRPGQFSVPHSLALVPHLDQLCVADRENGRIQCFKTDTKE
FVREIKHASFGRNVFAISYIPGFLFAVNGKPYFGDQEPVQGFVMNFSSGEIIDVFKPVRKHFDMPHDIVASEDGTVYIGD
AHTNTVWKFTLTEKMEHRSVKKAGIEVQEIKEAEAVVEPKVENKPTSSELQKMQEKQKLSTEPGSGVSVVLITTLLVIPV
LVLLAIVMFIRWKKSRAFGDHDRKLESSSGRVLGRFRGKGSGGLNLGNFFASRKGYSRKGFDRVSTEGSDQEKDEDDGTE
SEEEYSAPLPKPAPSS
;
_entity_poly.pdbx_strand_id   A
#
# COMPACT_ATOMS: atom_id res chain seq x y z
N GLU A 46 -10.19 22.52 -13.94
CA GLU A 46 -10.47 21.14 -14.21
C GLU A 46 -10.24 20.88 -15.67
N CYS A 47 -9.35 19.97 -15.97
CA CYS A 47 -9.06 19.64 -17.34
C CYS A 47 -10.24 19.47 -18.26
N LEU A 48 -11.15 20.42 -18.21
CA LEU A 48 -12.29 20.38 -19.09
C LEU A 48 -13.24 19.30 -18.74
N GLY A 49 -12.78 18.35 -17.95
CA GLY A 49 -13.63 17.26 -17.55
C GLY A 49 -14.89 17.70 -16.86
N THR A 50 -16.00 17.22 -17.32
CA THR A 50 -17.29 17.56 -16.72
C THR A 50 -18.02 16.32 -16.26
N ILE A 51 -17.31 15.44 -15.59
CA ILE A 51 -17.82 14.08 -15.26
C ILE A 51 -18.64 14.03 -13.94
N GLY A 52 -18.26 14.83 -12.96
CA GLY A 52 -19.10 14.99 -11.77
C GLY A 52 -18.53 14.09 -10.72
N PRO A 53 -18.46 14.56 -9.49
CA PRO A 53 -17.74 13.81 -8.46
C PRO A 53 -18.49 12.58 -7.98
N VAL A 54 -19.82 12.60 -7.98
CA VAL A 54 -20.65 11.41 -7.74
C VAL A 54 -21.44 11.04 -8.96
N THR A 55 -21.37 9.78 -9.35
CA THR A 55 -22.19 9.28 -10.44
C THR A 55 -22.98 8.08 -9.92
N PRO A 56 -24.31 8.22 -9.77
CA PRO A 56 -25.16 7.05 -9.42
C PRO A 56 -25.11 5.98 -10.51
N LEU A 57 -25.36 4.72 -10.19
CA LEU A 57 -25.12 3.64 -11.15
C LEU A 57 -26.40 2.84 -11.36
N ASP A 58 -26.63 1.84 -10.54
CA ASP A 58 -27.93 1.22 -10.40
C ASP A 58 -28.40 1.86 -9.08
N ALA A 59 -29.19 1.17 -8.27
CA ALA A 59 -29.67 1.76 -7.01
C ALA A 59 -28.63 1.85 -5.86
N SER A 60 -27.85 0.80 -5.64
CA SER A 60 -27.05 0.69 -4.43
C SER A 60 -25.59 1.07 -4.62
N ASP A 61 -25.21 1.48 -5.82
CA ASP A 61 -23.83 1.65 -6.24
C ASP A 61 -23.66 3.07 -6.77
N PHE A 62 -22.43 3.54 -6.80
CA PHE A 62 -22.10 4.77 -7.46
C PHE A 62 -20.62 4.81 -7.66
N ALA A 63 -20.17 5.66 -8.57
CA ALA A 63 -18.79 5.88 -8.86
C ALA A 63 -18.32 7.25 -8.40
N LEU A 64 -17.07 7.26 -7.96
CA LEU A 64 -16.46 8.38 -7.30
C LEU A 64 -15.24 8.70 -8.11
N ASP A 65 -15.30 9.80 -8.85
CA ASP A 65 -14.19 10.26 -9.61
C ASP A 65 -13.31 11.00 -8.64
N ILE A 66 -12.09 10.51 -8.44
CA ILE A 66 -11.09 11.13 -7.59
C ILE A 66 -9.85 11.63 -8.38
N ARG A 67 -9.80 12.94 -8.63
CA ARG A 67 -8.92 13.61 -9.62
C ARG A 67 -8.19 14.85 -9.06
N MET A 68 -6.91 14.95 -9.32
CA MET A 68 -6.18 16.14 -8.99
C MET A 68 -6.91 17.36 -9.62
N PRO A 69 -7.06 18.43 -8.71
CA PRO A 69 -7.79 19.62 -9.18
C PRO A 69 -6.96 20.55 -10.10
N GLY A 70 -6.39 19.99 -11.16
CA GLY A 70 -5.61 20.72 -12.11
C GLY A 70 -4.38 21.32 -11.55
N VAL A 71 -3.45 20.48 -11.17
CA VAL A 71 -2.19 20.90 -10.58
C VAL A 71 -1.06 21.10 -11.57
N THR A 72 0.09 21.60 -11.12
CA THR A 72 1.19 21.88 -12.04
C THR A 72 2.55 21.65 -11.45
N PRO A 73 3.11 20.45 -11.69
CA PRO A 73 4.38 20.06 -11.02
C PRO A 73 5.68 20.69 -11.61
N LYS A 74 6.59 21.16 -10.75
CA LYS A 74 7.75 21.98 -11.16
C LYS A 74 9.10 21.22 -11.28
N GLU A 75 9.19 20.08 -10.61
CA GLU A 75 10.37 19.23 -10.68
C GLU A 75 9.84 17.81 -10.84
N SER A 76 10.50 17.04 -11.71
CA SER A 76 10.30 15.60 -11.77
C SER A 76 10.52 15.01 -10.36
N ASP A 77 9.75 13.99 -10.02
CA ASP A 77 9.70 13.42 -8.66
C ASP A 77 9.10 14.37 -7.61
N THR A 78 7.90 14.88 -7.90
CA THR A 78 7.05 15.50 -6.86
C THR A 78 5.80 14.62 -6.63
N TYR A 79 5.54 14.30 -5.36
CA TYR A 79 4.35 13.57 -4.92
C TYR A 79 3.33 14.61 -4.48
N PHE A 80 2.23 14.78 -5.22
CA PHE A 80 1.06 15.55 -4.82
C PHE A 80 -0.03 14.66 -4.21
N CYS A 81 -0.80 15.25 -3.31
CA CYS A 81 -1.84 14.55 -2.53
C CYS A 81 -3.09 15.38 -2.55
N MET A 82 -4.25 14.75 -2.69
CA MET A 82 -5.57 15.34 -2.37
C MET A 82 -6.46 14.36 -1.56
N SER A 83 -7.58 14.85 -1.05
CA SER A 83 -8.49 14.06 -0.25
C SER A 83 -9.84 14.16 -0.91
N MET A 84 -10.67 13.15 -0.68
CA MET A 84 -12.08 13.13 -1.08
C MET A 84 -12.88 12.52 0.09
N ARG A 85 -13.98 13.12 0.49
CA ARG A 85 -14.76 12.57 1.59
C ARG A 85 -15.70 11.59 0.98
N LEU A 86 -15.98 10.53 1.67
CA LEU A 86 -17.03 9.66 1.18
C LEU A 86 -18.27 10.45 1.22
N PRO A 87 -19.15 10.23 0.25
CA PRO A 87 -20.43 10.96 0.28
C PRO A 87 -21.50 10.36 1.22
N VAL A 88 -21.29 9.15 1.71
CA VAL A 88 -22.27 8.48 2.57
C VAL A 88 -21.67 8.33 3.95
N ASP A 89 -22.52 8.34 4.96
CA ASP A 89 -22.04 8.18 6.34
CA ASP A 89 -22.09 8.20 6.35
C ASP A 89 -22.07 6.71 6.73
N GLU A 90 -23.04 5.99 6.22
CA GLU A 90 -23.09 4.58 6.42
C GLU A 90 -22.02 3.81 5.63
N GLU A 91 -21.89 2.56 6.03
CA GLU A 91 -20.95 1.59 5.49
C GLU A 91 -21.11 1.34 3.96
N ALA A 92 -20.01 1.27 3.25
CA ALA A 92 -20.05 1.01 1.81
C ALA A 92 -18.84 0.17 1.45
N PHE A 93 -18.77 -0.31 0.21
CA PHE A 93 -17.76 -1.26 -0.19
C PHE A 93 -17.21 -0.86 -1.51
N VAL A 94 -15.90 -0.66 -1.52
CA VAL A 94 -15.16 -0.34 -2.70
C VAL A 94 -14.87 -1.62 -3.40
N ILE A 95 -15.34 -1.76 -4.63
CA ILE A 95 -15.24 -3.07 -5.27
C ILE A 95 -14.50 -3.00 -6.56
N ASP A 96 -14.06 -1.82 -6.98
CA ASP A 96 -13.27 -1.71 -8.19
C ASP A 96 -12.66 -0.39 -8.35
N PHE A 97 -11.61 -0.33 -9.13
CA PHE A 97 -10.93 0.88 -9.51
C PHE A 97 -10.62 1.04 -11.07
N LYS A 98 -10.51 2.29 -11.59
CA LYS A 98 -10.04 2.55 -12.95
C LYS A 98 -9.04 3.73 -12.99
N PRO A 99 -7.75 3.44 -13.33
CA PRO A 99 -6.74 4.52 -13.42
C PRO A 99 -7.05 5.56 -14.48
N ARG A 100 -6.76 6.83 -14.19
CA ARG A 100 -7.00 7.95 -15.12
C ARG A 100 -5.75 8.79 -14.98
N ALA A 101 -4.67 8.25 -15.50
CA ALA A 101 -3.35 8.82 -15.36
C ALA A 101 -2.86 9.33 -16.72
N SER A 102 -2.19 10.49 -16.71
CA SER A 102 -1.47 11.01 -17.90
C SER A 102 -0.39 10.01 -18.41
N MET A 103 -0.60 9.47 -19.61
CA MET A 103 0.44 8.75 -20.37
C MET A 103 1.76 9.53 -20.30
N ASP A 104 1.69 10.78 -20.65
CA ASP A 104 2.91 11.55 -20.62
C ASP A 104 3.64 11.95 -19.34
N THR A 105 3.21 11.57 -18.14
CA THR A 105 3.98 11.95 -16.94
C THR A 105 3.67 11.31 -15.63
N VAL A 106 2.65 10.50 -15.56
CA VAL A 106 2.31 9.90 -14.27
C VAL A 106 2.96 8.55 -14.16
N HIS A 107 3.69 8.46 -13.08
CA HIS A 107 4.52 7.39 -12.67
C HIS A 107 3.93 6.43 -11.69
N HIS A 108 3.16 6.97 -10.78
CA HIS A 108 2.67 6.21 -9.70
C HIS A 108 1.50 6.83 -9.03
N MET A 109 0.54 6.03 -8.62
CA MET A 109 -0.61 6.54 -7.89
C MET A 109 -0.87 5.67 -6.69
N LEU A 110 -1.18 6.29 -5.54
CA LEU A 110 -1.64 5.52 -4.36
C LEU A 110 -2.99 6.06 -3.94
N LEU A 111 -3.87 5.15 -3.50
CA LEU A 111 -5.11 5.54 -2.81
C LEU A 111 -5.10 4.93 -1.43
N PHE A 112 -5.39 5.76 -0.43
CA PHE A 112 -5.47 5.38 0.95
C PHE A 112 -6.85 5.70 1.50
N GLY A 113 -7.13 5.06 2.63
CA GLY A 113 -8.34 5.19 3.36
C GLY A 113 -7.94 5.65 4.71
N CYS A 114 -8.49 6.77 5.15
CA CYS A 114 -8.23 7.29 6.50
C CYS A 114 -9.33 8.21 7.04
N ASN A 115 -9.23 8.55 8.31
CA ASN A 115 -10.18 9.51 8.88
C ASN A 115 -9.69 10.95 8.95
N MET A 116 -8.39 11.20 9.00
CA MET A 116 -7.84 12.57 9.09
C MET A 116 -6.67 12.77 8.08
N PRO A 117 -7.00 13.25 6.88
CA PRO A 117 -5.95 13.64 5.92
C PRO A 117 -4.98 14.71 6.50
N SER A 118 -3.75 14.80 6.02
CA SER A 118 -2.82 15.76 6.59
C SER A 118 -3.17 17.22 6.26
N SER A 119 -3.97 17.48 5.20
CA SER A 119 -4.39 18.87 4.88
C SER A 119 -5.84 18.94 4.48
N THR A 120 -6.42 20.13 4.50
CA THR A 120 -7.77 20.40 4.06
C THR A 120 -7.78 21.30 2.86
N GLY A 121 -6.60 21.72 2.39
CA GLY A 121 -6.56 22.58 1.18
C GLY A 121 -6.84 21.72 -0.04
N SER A 122 -7.09 22.35 -1.16
CA SER A 122 -7.32 21.66 -2.42
C SER A 122 -6.32 20.50 -2.69
N TYR A 123 -5.06 20.70 -2.36
CA TYR A 123 -3.98 19.74 -2.60
C TYR A 123 -2.71 20.09 -1.81
N TRP A 124 -1.75 19.18 -1.78
CA TRP A 124 -0.56 19.42 -0.98
C TRP A 124 0.59 18.52 -1.40
N PHE A 125 1.76 18.72 -0.79
CA PHE A 125 2.97 17.96 -1.09
C PHE A 125 3.01 16.85 -0.07
N CYS A 126 3.11 15.61 -0.52
CA CYS A 126 2.87 14.47 0.34
C CYS A 126 4.00 14.26 1.31
N ASP A 127 5.15 14.89 1.07
CA ASP A 127 6.23 15.08 2.08
C ASP A 127 5.70 15.56 3.45
N GLU A 128 4.80 16.55 3.41
CA GLU A 128 3.98 17.08 4.55
C GLU A 128 3.26 16.05 5.43
N GLY A 129 2.98 14.87 4.86
CA GLY A 129 2.13 13.84 5.45
C GLY A 129 1.10 13.44 4.38
N THR A 130 0.37 12.39 4.72
CA THR A 130 -0.64 11.76 3.89
C THR A 130 -1.92 11.82 4.71
N CYS A 131 -1.97 11.10 5.85
CA CYS A 131 -3.00 11.27 6.88
C CYS A 131 -2.35 11.48 8.26
N THR A 132 -2.99 12.23 9.16
CA THR A 132 -2.50 12.34 10.53
C THR A 132 -2.64 11.00 11.29
N ASP A 133 -3.74 10.29 11.06
CA ASP A 133 -3.99 8.95 11.61
C ASP A 133 -3.39 7.89 10.68
N LYS A 134 -3.71 6.62 10.89
CA LYS A 134 -3.21 5.58 9.99
C LYS A 134 -3.83 5.69 8.59
N ALA A 135 -2.91 5.77 7.65
CA ALA A 135 -3.17 5.79 6.25
C ALA A 135 -3.28 4.37 5.77
N ASN A 136 -4.50 3.89 5.53
CA ASN A 136 -4.76 2.49 5.21
C ASN A 136 -4.80 2.30 3.72
N ILE A 137 -3.79 1.64 3.22
CA ILE A 137 -3.59 1.63 1.80
C ILE A 137 -4.59 0.72 1.13
N LEU A 138 -5.19 1.19 0.05
CA LEU A 138 -6.20 0.47 -0.67
C LEU A 138 -5.86 0.17 -2.14
N TYR A 139 -5.02 0.98 -2.76
CA TYR A 139 -4.82 0.81 -4.19
C TYR A 139 -3.50 1.45 -4.60
N ALA A 140 -2.86 0.84 -5.60
CA ALA A 140 -1.57 1.28 -6.11
C ALA A 140 -1.47 1.00 -7.58
N TRP A 141 -0.81 1.91 -8.27
CA TRP A 141 -0.71 1.87 -9.72
C TRP A 141 0.70 2.30 -10.04
N ALA A 142 1.35 1.57 -10.94
CA ALA A 142 2.58 2.07 -11.60
C ALA A 142 2.43 1.98 -13.11
N ARG A 143 3.16 2.81 -13.84
CA ARG A 143 3.24 2.67 -15.31
C ARG A 143 3.85 1.29 -15.66
N ASN A 144 3.16 0.56 -16.53
CA ASN A 144 3.59 -0.76 -17.01
C ASN A 144 3.52 -1.97 -15.98
N ALA A 145 3.49 -1.70 -14.66
CA ALA A 145 3.10 -2.70 -13.66
C ALA A 145 1.62 -3.08 -13.74
N PRO A 146 1.34 -4.33 -13.46
CA PRO A 146 -0.02 -4.84 -13.42
C PRO A 146 -0.70 -4.06 -12.34
N PRO A 147 -2.07 -3.89 -12.49
CA PRO A 147 -2.70 -3.11 -11.43
C PRO A 147 -3.28 -3.95 -10.33
N THR A 148 -3.44 -5.23 -10.56
CA THR A 148 -4.00 -6.10 -9.54
C THR A 148 -5.45 -5.69 -9.26
N ARG A 149 -6.35 -6.54 -9.75
CA ARG A 149 -7.76 -6.33 -9.60
C ARG A 149 -8.24 -7.10 -8.40
N LEU A 150 -9.34 -6.66 -7.80
CA LEU A 150 -9.93 -7.30 -6.67
C LEU A 150 -10.62 -8.55 -7.11
N PRO A 151 -10.50 -9.62 -6.36
CA PRO A 151 -11.20 -10.82 -6.75
C PRO A 151 -12.67 -10.61 -6.63
N LYS A 152 -13.42 -11.47 -7.28
CA LYS A 152 -14.85 -11.37 -7.29
C LYS A 152 -15.46 -11.61 -5.86
N GLY A 153 -16.31 -10.68 -5.40
CA GLY A 153 -17.01 -10.76 -4.14
C GLY A 153 -16.20 -10.14 -3.00
N VAL A 154 -15.08 -9.51 -3.31
CA VAL A 154 -14.19 -8.92 -2.31
C VAL A 154 -14.40 -7.42 -2.33
N GLY A 155 -14.64 -6.81 -1.16
CA GLY A 155 -14.72 -5.30 -1.11
C GLY A 155 -13.96 -4.70 0.05
N PHE A 156 -13.40 -3.52 -0.11
CA PHE A 156 -12.86 -2.80 1.06
C PHE A 156 -14.02 -2.15 1.75
N ARG A 157 -14.06 -2.20 3.07
CA ARG A 157 -15.14 -1.60 3.90
C ARG A 157 -14.73 -0.21 4.28
N VAL A 158 -15.57 0.74 3.91
CA VAL A 158 -15.43 2.11 4.30
C VAL A 158 -16.76 2.71 4.85
N GLY A 159 -16.64 3.83 5.55
CA GLY A 159 -17.81 4.47 6.17
C GLY A 159 -18.21 3.75 7.45
N GLY A 160 -19.38 4.06 7.96
CA GLY A 160 -19.86 3.44 9.20
C GLY A 160 -18.98 3.83 10.38
N GLU A 161 -19.07 3.01 11.43
CA GLU A 161 -18.50 3.37 12.71
C GLU A 161 -16.96 3.24 12.61
N THR A 162 -16.53 2.07 12.14
CA THR A 162 -15.12 1.70 11.94
C THR A 162 -14.46 2.20 10.63
N GLY A 163 -15.24 2.33 9.54
CA GLY A 163 -14.63 2.57 8.25
C GLY A 163 -14.03 3.97 8.05
N SER A 164 -12.99 4.03 7.25
CA SER A 164 -12.40 5.23 6.77
C SER A 164 -13.44 6.18 6.15
N LYS A 165 -13.36 7.45 6.52
CA LYS A 165 -14.27 8.49 6.07
C LYS A 165 -13.77 9.19 4.82
N TYR A 166 -12.44 9.17 4.61
CA TYR A 166 -11.77 9.85 3.51
C TYR A 166 -10.93 8.90 2.67
N PHE A 167 -10.82 9.26 1.40
CA PHE A 167 -9.81 8.76 0.51
C PHE A 167 -8.84 9.87 0.37
N VAL A 168 -7.56 9.48 0.30
CA VAL A 168 -6.46 10.38 -0.03
C VAL A 168 -5.73 9.73 -1.19
N LEU A 169 -5.50 10.55 -2.23
CA LEU A 169 -4.85 10.11 -3.46
C LEU A 169 -3.50 10.71 -3.53
N GLN A 170 -2.50 9.90 -3.80
CA GLN A 170 -1.12 10.34 -3.99
C GLN A 170 -0.74 10.07 -5.47
N VAL A 171 -0.40 11.11 -6.22
CA VAL A 171 0.05 11.00 -7.59
C VAL A 171 1.51 11.46 -7.75
N HIS A 172 2.39 10.50 -8.02
CA HIS A 172 3.81 10.74 -8.17
C HIS A 172 4.08 11.06 -9.65
N TYR A 173 4.54 12.30 -9.89
CA TYR A 173 4.96 12.71 -11.22
C TYR A 173 6.45 12.40 -11.39
N GLY A 174 6.81 11.62 -12.41
CA GLY A 174 8.21 11.18 -12.57
C GLY A 174 8.68 11.29 -14.00
N ASP A 175 9.05 12.51 -14.41
CA ASP A 175 9.38 12.73 -15.80
C ASP A 175 8.83 14.11 -16.21
N ILE A 176 9.53 15.23 -15.97
CA ILE A 176 8.98 16.54 -16.35
C ILE A 176 9.85 17.51 -17.19
N SER A 177 9.20 18.26 -18.10
CA SER A 177 9.83 19.26 -18.99
C SER A 177 9.56 20.66 -18.48
N ALA A 178 10.56 21.50 -18.43
CA ALA A 178 10.36 22.84 -17.83
C ALA A 178 9.58 23.77 -18.77
N PHE A 179 9.47 23.36 -20.04
CA PHE A 179 8.60 24.03 -21.00
C PHE A 179 7.11 23.78 -20.92
N ARG A 180 6.68 22.95 -19.97
CA ARG A 180 5.26 22.65 -19.83
C ARG A 180 4.49 23.86 -19.28
N ASP A 181 5.21 24.94 -19.04
CA ASP A 181 4.61 26.16 -18.53
C ASP A 181 3.71 25.88 -17.34
N ASN A 182 2.41 25.75 -17.60
CA ASN A 182 1.44 25.47 -16.54
C ASN A 182 0.93 24.03 -16.64
N HIS A 183 0.47 23.65 -17.83
CA HIS A 183 -0.05 22.30 -18.05
C HIS A 183 -1.42 22.00 -17.43
N LYS A 184 -1.46 21.88 -16.10
CA LYS A 184 -2.68 21.57 -15.42
C LYS A 184 -2.99 20.09 -15.60
N ASP A 185 -2.72 19.30 -14.58
CA ASP A 185 -2.98 17.89 -14.66
C ASP A 185 -4.12 17.45 -13.77
N CYS A 186 -4.96 16.56 -14.27
CA CYS A 186 -6.07 16.08 -13.51
C CYS A 186 -6.07 14.56 -13.38
N SER A 187 -4.92 14.01 -13.06
CA SER A 187 -4.74 12.60 -12.82
C SER A 187 -5.38 12.13 -11.51
N GLY A 188 -5.88 10.90 -11.55
CA GLY A 188 -6.54 10.32 -10.40
C GLY A 188 -7.05 8.93 -10.68
N VAL A 189 -8.18 8.60 -10.07
CA VAL A 189 -8.76 7.26 -10.13
C VAL A 189 -10.26 7.31 -9.97
N SER A 190 -10.99 6.48 -10.68
CA SER A 190 -12.38 6.29 -10.37
C SER A 190 -12.53 5.04 -9.52
N VAL A 191 -13.49 5.09 -8.61
CA VAL A 191 -13.72 4.07 -7.68
C VAL A 191 -15.19 3.67 -7.72
N HIS A 192 -15.46 2.38 -7.71
CA HIS A 192 -16.78 1.84 -7.76
C HIS A 192 -17.08 1.45 -6.34
N LEU A 193 -18.12 2.05 -5.75
CA LEU A 193 -18.62 1.71 -4.44
C LEU A 193 -19.99 1.13 -4.54
N THR A 194 -20.25 0.22 -3.63
CA THR A 194 -21.58 -0.28 -3.41
C THR A 194 -21.89 -0.37 -1.93
N ARG A 195 -23.17 -0.16 -1.64
CA ARG A 195 -23.74 -0.51 -0.35
C ARG A 195 -24.29 -1.96 -0.32
N VAL A 196 -24.09 -2.74 -1.38
CA VAL A 196 -24.45 -4.16 -1.32
C VAL A 196 -23.36 -4.87 -0.51
N PRO A 197 -23.69 -5.37 0.69
CA PRO A 197 -22.65 -5.99 1.50
C PRO A 197 -21.94 -7.08 0.75
N GLN A 198 -20.63 -7.09 0.81
CA GLN A 198 -19.84 -8.05 0.11
C GLN A 198 -19.56 -9.18 1.04
N PRO A 199 -19.36 -10.38 0.46
CA PRO A 199 -19.14 -11.64 1.23
C PRO A 199 -17.74 -11.82 1.78
N LEU A 200 -16.79 -11.24 1.09
CA LEU A 200 -15.41 -11.21 1.55
C LEU A 200 -15.01 -9.76 1.55
N ILE A 201 -14.27 -9.39 2.58
CA ILE A 201 -13.86 -8.07 2.82
C ILE A 201 -12.36 -8.02 2.79
N ALA A 202 -11.83 -7.01 2.15
CA ALA A 202 -10.38 -6.94 1.98
C ALA A 202 -9.75 -6.09 3.07
N GLY A 203 -8.51 -6.39 3.39
CA GLY A 203 -7.76 -5.57 4.30
C GLY A 203 -6.27 -5.59 4.12
N MET A 204 -5.62 -4.81 4.98
CA MET A 204 -4.16 -4.72 4.97
C MET A 204 -3.54 -5.21 6.27
N TYR A 205 -2.66 -6.20 6.14
CA TYR A 205 -1.81 -6.63 7.24
C TYR A 205 -0.44 -6.01 7.02
N LEU A 206 -0.06 -5.06 7.88
CA LEU A 206 1.23 -4.34 7.71
C LEU A 206 2.36 -4.85 8.64
N MET A 207 3.46 -5.24 8.06
CA MET A 207 4.60 -5.69 8.80
C MET A 207 5.60 -4.57 8.78
N MET A 208 6.03 -4.19 9.95
CA MET A 208 6.95 -3.09 10.13
C MET A 208 8.10 -3.46 11.04
N SER A 209 9.28 -3.02 10.70
CA SER A 209 10.48 -3.29 11.46
C SER A 209 10.90 -2.04 12.20
N VAL A 210 11.34 -2.16 13.45
CA VAL A 210 11.75 -0.97 14.19
C VAL A 210 12.95 -1.09 15.10
N ASP A 211 13.41 -2.29 15.35
CA ASP A 211 14.51 -2.47 16.28
C ASP A 211 15.87 -2.77 15.68
N THR A 212 16.03 -2.48 14.41
CA THR A 212 17.19 -2.88 13.64
C THR A 212 18.00 -1.69 13.08
N VAL A 213 19.32 -1.86 13.01
CA VAL A 213 20.28 -0.82 12.62
C VAL A 213 21.34 -1.43 11.66
N ILE A 214 21.79 -0.61 10.73
CA ILE A 214 22.70 -1.01 9.68
C ILE A 214 24.05 -0.38 9.90
N PRO A 215 25.02 -1.15 10.41
CA PRO A 215 26.36 -0.57 10.56
C PRO A 215 26.98 -0.36 9.19
N PRO A 216 27.65 0.78 8.99
CA PRO A 216 28.08 1.15 7.64
C PRO A 216 29.08 0.13 7.12
N GLY A 217 29.07 -0.09 5.80
CA GLY A 217 29.98 -1.03 5.16
C GLY A 217 29.68 -2.50 5.37
N GLU A 218 28.78 -2.85 6.29
CA GLU A 218 28.39 -4.25 6.37
C GLU A 218 27.63 -4.52 5.07
N LYS A 219 28.11 -5.50 4.33
CA LYS A 219 27.63 -5.76 2.98
C LYS A 219 26.15 -6.16 2.97
N VAL A 220 25.76 -7.03 3.91
CA VAL A 220 24.42 -7.65 3.98
C VAL A 220 23.93 -7.51 5.41
N VAL A 221 22.76 -6.96 5.59
CA VAL A 221 22.19 -6.83 6.93
C VAL A 221 20.75 -7.22 6.84
N ASN A 222 20.34 -8.11 7.74
CA ASN A 222 19.02 -8.67 7.72
C ASN A 222 18.10 -8.04 8.74
N ALA A 223 16.91 -7.60 8.32
CA ALA A 223 15.88 -7.15 9.25
C ALA A 223 14.65 -8.12 9.19
N ASP A 224 14.41 -8.76 10.32
CA ASP A 224 13.46 -9.87 10.47
C ASP A 224 12.26 -9.37 11.23
N ILE A 225 11.06 -9.87 10.89
CA ILE A 225 9.79 -9.45 11.55
C ILE A 225 8.92 -10.69 11.76
N SER A 226 8.14 -10.79 12.84
CA SER A 226 7.39 -12.00 13.12
C SER A 226 6.41 -11.81 14.26
N CYS A 227 5.15 -12.16 14.00
CA CYS A 227 4.09 -12.10 14.97
C CYS A 227 3.25 -13.36 14.79
N GLN A 228 2.49 -13.72 15.81
CA GLN A 228 1.62 -14.89 15.75
C GLN A 228 0.32 -14.46 15.15
N TYR A 229 -0.32 -15.34 14.41
CA TYR A 229 -1.59 -14.97 13.81
C TYR A 229 -2.70 -15.47 14.68
N LYS A 230 -3.55 -14.57 15.12
CA LYS A 230 -4.60 -14.97 16.02
C LYS A 230 -6.01 -14.57 15.71
N MET A 231 -6.29 -14.29 14.47
CA MET A 231 -7.65 -13.99 14.07
C MET A 231 -8.24 -15.15 13.26
N TYR A 232 -9.45 -14.93 12.78
CA TYR A 232 -10.05 -15.77 11.74
C TYR A 232 -9.19 -15.78 10.45
N PRO A 233 -9.49 -16.72 9.53
CA PRO A 233 -8.58 -16.87 8.39
C PRO A 233 -8.58 -15.62 7.56
N MET A 234 -7.40 -15.14 7.16
CA MET A 234 -7.28 -14.18 6.08
C MET A 234 -6.67 -14.88 4.88
N HIS A 235 -7.02 -14.43 3.69
CA HIS A 235 -6.42 -15.00 2.49
C HIS A 235 -5.72 -13.92 1.69
N VAL A 236 -4.39 -14.08 1.60
CA VAL A 236 -3.49 -13.07 1.09
C VAL A 236 -3.44 -13.14 -0.42
N PHE A 237 -3.73 -12.02 -1.08
CA PHE A 237 -3.76 -12.03 -2.52
C PHE A 237 -2.89 -11.01 -3.20
N ALA A 238 -2.30 -10.05 -2.46
CA ALA A 238 -1.35 -9.17 -3.10
C ALA A 238 -0.44 -8.65 -2.07
N TYR A 239 0.66 -8.03 -2.51
CA TYR A 239 1.61 -7.50 -1.55
C TYR A 239 2.44 -6.38 -2.20
N ARG A 240 2.93 -5.46 -1.38
CA ARG A 240 3.78 -4.35 -1.77
C ARG A 240 4.91 -4.23 -0.75
N VAL A 241 6.09 -3.79 -1.20
CA VAL A 241 7.24 -3.72 -0.33
C VAL A 241 7.78 -2.31 -0.28
N HIS A 242 8.02 -1.78 0.92
CA HIS A 242 8.57 -0.42 1.04
C HIS A 242 9.88 -0.39 1.88
N THR A 243 10.82 0.38 1.36
CA THR A 243 12.15 0.47 1.90
C THR A 243 12.77 1.68 1.22
N HIS A 244 13.78 2.32 1.80
CA HIS A 244 14.47 3.44 1.12
C HIS A 244 15.62 2.86 0.29
N HIS A 245 16.70 3.57 -0.03
CA HIS A 245 17.54 3.06 -1.14
C HIS A 245 18.58 2.00 -0.77
N LEU A 246 18.79 1.76 0.52
CA LEU A 246 19.62 0.63 0.95
C LEU A 246 18.98 -0.79 0.85
N GLY A 247 17.70 -0.89 0.48
CA GLY A 247 17.03 -2.19 0.46
C GLY A 247 17.35 -2.97 -0.77
N LYS A 248 17.62 -4.26 -0.56
CA LYS A 248 17.93 -5.23 -1.65
C LYS A 248 16.74 -6.17 -1.96
N VAL A 249 16.17 -6.77 -0.94
CA VAL A 249 15.07 -7.72 -1.21
C VAL A 249 14.20 -7.88 0.01
N VAL A 250 12.90 -7.92 -0.25
CA VAL A 250 11.93 -8.11 0.80
C VAL A 250 11.09 -9.31 0.44
N SER A 251 10.98 -10.20 1.43
CA SER A 251 10.28 -11.50 1.34
C SER A 251 9.35 -11.63 2.53
N GLY A 252 8.23 -12.31 2.33
CA GLY A 252 7.20 -12.49 3.35
C GLY A 252 6.67 -13.91 3.27
N TYR A 253 6.43 -14.50 4.45
CA TYR A 253 6.09 -15.91 4.57
C TYR A 253 5.04 -16.18 5.62
N ARG A 254 4.45 -17.34 5.48
CA ARG A 254 3.58 -17.84 6.47
C ARG A 254 4.20 -19.12 6.97
N VAL A 255 4.55 -19.15 8.23
CA VAL A 255 5.08 -20.38 8.87
C VAL A 255 3.97 -21.09 9.67
N ARG A 256 3.70 -22.33 9.28
CA ARG A 256 2.73 -23.18 9.90
C ARG A 256 3.50 -24.43 10.27
N ASN A 257 3.42 -24.83 11.53
CA ASN A 257 4.20 -26.03 12.07
C ASN A 257 5.67 -26.18 11.54
N GLY A 258 6.41 -25.07 11.53
CA GLY A 258 7.78 -25.03 11.02
C GLY A 258 7.97 -25.15 9.52
N GLN A 259 6.90 -25.10 8.73
CA GLN A 259 7.03 -25.06 7.27
C GLN A 259 6.64 -23.69 6.75
N TRP A 260 7.55 -23.12 5.95
CA TRP A 260 7.48 -21.78 5.44
C TRP A 260 6.82 -21.86 4.09
N THR A 261 5.76 -21.09 3.88
CA THR A 261 5.19 -20.95 2.54
C THR A 261 5.44 -19.50 2.08
N LEU A 262 5.97 -19.31 0.87
CA LEU A 262 6.17 -17.98 0.34
C LEU A 262 4.85 -17.20 0.11
N ILE A 263 4.74 -16.00 0.66
CA ILE A 263 3.68 -15.07 0.32
C ILE A 263 4.17 -14.22 -0.86
N GLY A 264 5.33 -13.62 -0.72
CA GLY A 264 5.86 -12.84 -1.84
C GLY A 264 7.17 -12.28 -1.54
N ARG A 265 7.89 -11.96 -2.62
CA ARG A 265 9.34 -11.65 -2.65
C ARG A 265 9.64 -10.56 -3.73
N GLN A 266 10.48 -9.56 -3.46
CA GLN A 266 10.68 -8.46 -4.43
C GLN A 266 11.83 -7.51 -4.08
N ASN A 267 12.43 -6.87 -5.06
CA ASN A 267 13.41 -5.86 -4.84
C ASN A 267 12.56 -4.64 -4.60
N PRO A 268 12.80 -3.93 -3.52
CA PRO A 268 11.99 -2.76 -3.15
C PRO A 268 12.32 -1.45 -3.86
N GLN A 269 13.32 -1.44 -4.74
CA GLN A 269 13.67 -0.30 -5.60
C GLN A 269 12.95 -0.38 -6.95
N LEU A 270 12.11 -1.37 -7.17
CA LEU A 270 11.17 -1.35 -8.33
C LEU A 270 9.94 -0.45 -8.03
N PRO A 271 9.04 -0.27 -9.03
CA PRO A 271 7.80 0.47 -8.71
C PRO A 271 6.99 -0.26 -7.61
N GLN A 272 6.76 0.46 -6.50
CA GLN A 272 6.14 -0.14 -5.31
C GLN A 272 4.60 -0.23 -5.42
N ALA A 273 4.16 -0.99 -6.43
CA ALA A 273 2.76 -1.36 -6.62
C ALA A 273 2.44 -2.67 -5.88
N PHE A 274 1.19 -3.11 -6.05
CA PHE A 274 0.75 -4.40 -5.52
C PHE A 274 1.01 -5.54 -6.53
N TYR A 275 1.87 -6.48 -6.12
CA TYR A 275 2.20 -7.63 -6.93
C TYR A 275 1.23 -8.75 -6.56
N PRO A 276 0.66 -9.46 -7.56
CA PRO A 276 -0.37 -10.39 -7.19
C PRO A 276 0.32 -11.64 -6.67
N VAL A 277 -0.41 -12.41 -5.90
CA VAL A 277 0.12 -13.62 -5.34
C VAL A 277 -0.39 -14.59 -6.34
N GLU A 278 0.45 -15.50 -6.81
CA GLU A 278 -0.02 -16.46 -7.82
C GLU A 278 -1.21 -17.27 -7.26
N HIS A 279 -1.03 -17.87 -6.09
CA HIS A 279 -2.12 -18.57 -5.43
C HIS A 279 -2.29 -18.04 -4.03
N PRO A 280 -3.47 -17.51 -3.73
CA PRO A 280 -3.59 -16.85 -2.47
C PRO A 280 -3.32 -17.76 -1.27
N VAL A 281 -2.63 -17.23 -0.28
CA VAL A 281 -2.12 -17.98 0.84
C VAL A 281 -3.10 -17.74 2.00
N ASP A 282 -3.66 -18.81 2.50
CA ASP A 282 -4.48 -18.80 3.69
C ASP A 282 -3.60 -18.69 4.92
N VAL A 283 -3.87 -17.72 5.76
CA VAL A 283 -3.15 -17.60 7.00
C VAL A 283 -4.20 -17.74 8.13
N THR A 284 -3.84 -18.50 9.16
CA THR A 284 -4.77 -19.14 10.08
C THR A 284 -4.29 -19.06 11.51
N PHE A 285 -5.23 -18.98 12.43
CA PHE A 285 -4.97 -19.00 13.89
C PHE A 285 -3.89 -20.04 14.18
N GLY A 286 -2.80 -19.62 14.81
CA GLY A 286 -1.71 -20.57 15.07
C GLY A 286 -0.49 -20.35 14.21
N ASP A 287 -0.68 -19.85 12.98
CA ASP A 287 0.41 -19.62 12.03
C ASP A 287 1.21 -18.42 12.53
N ILE A 288 2.42 -18.33 12.03
CA ILE A 288 3.25 -17.16 12.21
C ILE A 288 3.43 -16.50 10.86
N LEU A 289 3.23 -15.19 10.77
CA LEU A 289 3.73 -14.38 9.62
C LEU A 289 5.10 -13.88 9.87
N ALA A 290 5.99 -14.07 8.91
CA ALA A 290 7.38 -13.63 9.05
C ALA A 290 7.94 -13.11 7.73
N ALA A 291 8.55 -11.93 7.77
CA ALA A 291 9.14 -11.33 6.58
C ALA A 291 10.66 -11.43 6.63
N ARG A 292 11.34 -10.49 5.99
CA ARG A 292 12.79 -10.47 5.96
C ARG A 292 13.33 -9.45 4.96
N CYS A 293 13.68 -8.27 5.44
CA CYS A 293 14.21 -7.24 4.60
C CYS A 293 15.73 -7.41 4.53
N VAL A 294 16.31 -7.46 3.34
CA VAL A 294 17.77 -7.48 3.24
C VAL A 294 18.28 -6.10 2.82
N PHE A 295 19.08 -5.48 3.69
CA PHE A 295 19.76 -4.20 3.44
C PHE A 295 21.26 -4.33 3.14
N THR A 296 21.85 -3.26 2.58
CA THR A 296 23.33 -3.03 2.52
C THR A 296 23.71 -1.73 3.23
N GLY A 297 24.90 -1.68 3.80
CA GLY A 297 25.50 -0.44 4.31
C GLY A 297 26.70 -0.03 3.48
N GLU A 298 26.90 -0.66 2.32
CA GLU A 298 27.98 -0.29 1.42
C GLU A 298 27.87 1.16 0.97
N GLY A 299 28.99 1.89 1.03
CA GLY A 299 29.06 3.28 0.63
C GLY A 299 28.59 4.26 1.70
N ARG A 300 28.04 3.75 2.80
CA ARG A 300 27.48 4.58 3.84
C ARG A 300 28.49 4.89 4.93
N THR A 301 28.34 6.10 5.46
CA THR A 301 29.27 6.72 6.40
C THR A 301 29.02 6.24 7.86
N GLU A 302 27.77 6.31 8.30
CA GLU A 302 27.39 5.98 9.66
C GLU A 302 26.19 5.01 9.69
N ALA A 303 25.79 4.64 10.92
CA ALA A 303 24.71 3.69 11.13
C ALA A 303 23.38 4.26 10.63
N THR A 304 22.69 3.48 9.79
CA THR A 304 21.32 3.79 9.36
C THR A 304 20.31 3.07 10.28
N HIS A 305 19.24 3.75 10.66
CA HIS A 305 18.18 3.19 11.52
C HIS A 305 16.93 2.82 10.74
N ILE A 306 16.06 2.03 11.37
CA ILE A 306 14.74 1.66 10.79
C ILE A 306 13.54 2.38 11.49
N GLY A 307 13.44 3.71 11.30
CA GLY A 307 12.35 4.52 11.90
C GLY A 307 11.56 5.31 10.87
N THR A 309 11.85 9.18 8.62
CA THR A 309 12.38 10.20 7.70
C THR A 309 13.31 9.56 6.67
N SER A 310 13.74 10.35 5.68
CA SER A 310 14.59 9.86 4.56
C SER A 310 16.11 9.69 4.84
N SER A 311 16.57 10.16 6.02
CA SER A 311 17.90 9.78 6.56
C SER A 311 17.85 8.45 7.36
N ASP A 312 16.64 7.93 7.60
CA ASP A 312 16.42 6.59 8.13
C ASP A 312 16.24 5.54 6.97
N GLU A 313 15.94 4.31 7.37
CA GLU A 313 15.40 3.28 6.48
C GLU A 313 14.08 2.78 7.07
N MET A 314 13.42 1.93 6.28
CA MET A 314 12.15 1.35 6.62
C MET A 314 12.11 -0.02 6.03
N CYS A 315 11.50 -0.93 6.74
CA CYS A 315 11.22 -2.22 6.21
C CYS A 315 9.76 -2.46 6.42
N ASN A 316 8.99 -2.16 5.38
CA ASN A 316 7.55 -2.40 5.34
C ASN A 316 7.11 -3.44 4.35
N LEU A 317 6.20 -4.30 4.79
CA LEU A 317 5.58 -5.28 3.89
C LEU A 317 4.09 -5.13 4.06
N TYR A 318 3.46 -4.66 3.01
CA TYR A 318 2.02 -4.46 2.99
C TYR A 318 1.31 -5.70 2.43
N ILE A 319 0.68 -6.47 3.28
CA ILE A 319 0.01 -7.67 2.84
C ILE A 319 -1.49 -7.52 2.74
N MET A 320 -1.98 -7.63 1.50
CA MET A 320 -3.36 -7.40 1.15
C MET A 320 -4.13 -8.71 1.17
N TYR A 321 -5.24 -8.76 1.93
CA TYR A 321 -5.92 -10.02 2.21
C TYR A 321 -7.42 -9.86 2.06
N TYR A 322 -8.13 -10.96 1.97
CA TYR A 322 -9.57 -10.98 2.16
C TYR A 322 -9.94 -11.95 3.34
N MET A 323 -11.06 -11.68 3.98
CA MET A 323 -11.60 -12.47 5.08
C MET A 323 -13.11 -12.42 4.89
N GLU A 324 -13.75 -13.47 5.36
CA GLU A 324 -15.16 -13.67 5.18
C GLU A 324 -15.80 -12.63 6.03
N ALA A 325 -16.85 -12.02 5.49
CA ALA A 325 -17.31 -10.76 5.98
C ALA A 325 -17.60 -10.74 7.47
N LYS A 326 -18.21 -11.80 7.98
CA LYS A 326 -18.67 -11.70 9.37
C LYS A 326 -17.54 -11.69 10.45
N TYR A 327 -16.38 -12.22 10.12
CA TYR A 327 -15.27 -12.22 11.02
C TYR A 327 -14.18 -11.26 10.60
N ALA A 328 -14.41 -10.42 9.60
CA ALA A 328 -13.35 -9.56 9.11
C ALA A 328 -12.94 -8.29 9.83
N LEU A 329 -11.72 -7.88 9.55
CA LEU A 329 -11.19 -6.64 10.03
C LEU A 329 -10.36 -6.05 8.93
N SER A 330 -10.34 -4.75 8.85
CA SER A 330 -9.70 -4.01 7.79
C SER A 330 -8.22 -3.75 7.88
N PHE A 331 -7.69 -3.80 9.08
CA PHE A 331 -6.25 -3.65 9.29
C PHE A 331 -5.69 -4.50 10.38
N MET A 332 -4.44 -4.92 10.22
CA MET A 332 -3.65 -5.55 11.26
C MET A 332 -2.19 -5.16 11.02
N THR A 333 -1.39 -5.27 12.06
CA THR A 333 0.00 -4.80 12.08
C THR A 333 0.79 -5.73 12.92
N CYS A 334 2.07 -5.89 12.55
CA CYS A 334 3.12 -6.59 13.33
C CYS A 334 4.30 -5.62 13.32
N THR A 335 4.83 -5.34 14.53
CA THR A 335 5.97 -4.45 14.74
C THR A 335 7.06 -5.05 15.63
N LYS A 336 7.15 -6.38 15.61
CA LYS A 336 7.98 -7.14 16.53
C LYS A 336 8.69 -8.22 15.76
N ASN A 337 9.58 -8.92 16.44
CA ASN A 337 10.13 -10.18 15.93
C ASN A 337 10.00 -11.18 17.01
N VAL A 338 8.83 -11.76 17.18
CA VAL A 338 8.61 -12.66 18.34
C VAL A 338 9.31 -13.99 18.23
N ALA A 339 9.66 -14.43 17.03
CA ALA A 339 10.24 -15.78 16.84
C ALA A 339 11.58 -15.72 16.11
N PRO A 340 12.54 -15.06 16.72
CA PRO A 340 13.76 -14.78 16.03
C PRO A 340 14.55 -16.01 15.71
N ASP A 341 14.56 -17.00 16.58
CA ASP A 341 15.34 -18.23 16.37
C ASP A 341 14.89 -19.06 15.16
N MET A 342 13.60 -18.98 14.88
CA MET A 342 13.04 -19.60 13.70
C MET A 342 13.73 -19.19 12.42
N PHE A 343 14.22 -17.95 12.35
CA PHE A 343 14.85 -17.46 11.12
C PHE A 343 16.14 -18.18 10.68
N ARG A 344 16.81 -18.92 11.57
CA ARG A 344 17.99 -19.68 11.16
C ARG A 344 17.61 -20.83 10.22
N THR A 345 16.33 -21.23 10.28
CA THR A 345 15.75 -22.21 9.39
C THR A 345 14.90 -21.61 8.24
N ILE A 346 14.96 -20.31 8.00
CA ILE A 346 14.28 -19.68 6.83
C ILE A 346 14.76 -20.21 5.46
N PRO A 347 13.86 -20.41 4.47
CA PRO A 347 14.38 -20.88 3.20
C PRO A 347 15.48 -20.00 2.62
N ALA A 348 16.37 -20.68 1.89
CA ALA A 348 17.50 -20.02 1.25
C ALA A 348 17.10 -19.01 0.20
N GLU A 349 15.94 -19.13 -0.46
CA GLU A 349 15.50 -18.10 -1.45
C GLU A 349 15.27 -16.73 -0.80
N ALA A 350 14.93 -16.72 0.48
CA ALA A 350 14.73 -15.49 1.19
C ALA A 350 15.93 -14.62 1.18
N ASN A 351 17.11 -15.22 1.05
CA ASN A 351 18.37 -14.46 1.07
C ASN A 351 18.93 -14.07 -0.30
N ILE A 352 18.37 -14.60 -1.41
CA ILE A 352 19.01 -14.40 -2.71
C ILE A 352 18.54 -13.10 -3.43
N PRO A 353 19.50 -12.31 -3.94
CA PRO A 353 19.12 -11.04 -4.53
C PRO A 353 18.23 -11.12 -5.75
N ILE A 354 17.51 -10.03 -5.98
CA ILE A 354 16.74 -9.80 -7.19
C ILE A 354 17.22 -8.45 -7.75
N PRO A 355 18.27 -8.44 -8.58
CA PRO A 355 18.65 -7.15 -9.21
C PRO A 355 17.77 -6.85 -10.42
#